data_3DEF
#
_entry.id   3DEF
#
_cell.length_a   71.440
_cell.length_b   71.440
_cell.length_c   112.460
_cell.angle_alpha   90.00
_cell.angle_beta   90.00
_cell.angle_gamma   90.00
#
_symmetry.space_group_name_H-M   'P 43 21 2'
#
loop_
_entity.id
_entity.type
_entity.pdbx_description
1 polymer 'T7I23.11 protein'
2 non-polymer 'MAGNESIUM ION'
3 non-polymer "GUANOSINE-5'-DIPHOSPHATE"
4 water water
#
_entity_poly.entity_id   1
_entity_poly.type   'polypeptide(L)'
_entity_poly.pdbx_seq_one_letter_code
;MGSLVREWVGFQQFPAATQEKLIEFFGKLKQKDMNSMTVLVLGKGGVGKSSTVNSLIGEQVVRVSPFQAEGLRPVMVSRT
MGGFTINIIDTPGLVEAGYVNHQALELIKGFLVNRTIDVLLYVDRLDVYAVDELDKQVVIAITQTFGKEIWCKTLLVLTH
AQFSPPDELSYETFSSKRSDSLLKTIRAGSKMRKQEFEDSAIAVVYAENSGRCSKNDKDEKALPNGEAWIPNLVKAITDV
ATNQRKAIHVDAAALEHHHHHH
;
_entity_poly.pdbx_strand_id   A
#
loop_
_chem_comp.id
_chem_comp.type
_chem_comp.name
_chem_comp.formula
GDP RNA linking GUANOSINE-5'-DIPHOSPHATE 'C10 H15 N5 O11 P2'
MG non-polymer 'MAGNESIUM ION' 'Mg 2'
#
# COMPACT_ATOMS: atom_id res chain seq x y z
N ARG A 6 -11.43 13.84 11.91
CA ARG A 6 -12.37 14.72 11.15
C ARG A 6 -13.39 13.88 10.41
N GLU A 7 -14.56 14.46 10.17
CA GLU A 7 -15.57 13.78 9.37
C GLU A 7 -14.99 13.48 7.97
N TRP A 8 -15.47 12.37 7.39
CA TRP A 8 -14.94 11.87 6.12
C TRP A 8 -15.63 12.42 4.90
N VAL A 9 -15.31 13.67 4.61
CA VAL A 9 -15.81 14.35 3.42
C VAL A 9 -15.43 13.70 2.08
N GLY A 10 -14.20 13.22 1.96
CA GLY A 10 -13.80 12.48 0.77
C GLY A 10 -14.69 11.29 0.43
N PHE A 11 -15.25 10.62 1.42
CA PHE A 11 -16.14 9.51 1.16
C PHE A 11 -17.33 9.95 0.28
N GLN A 12 -17.77 11.18 0.48
CA GLN A 12 -18.96 11.67 -0.18
C GLN A 12 -18.73 11.88 -1.62
N GLN A 13 -17.49 12.05 -2.00
CA GLN A 13 -17.09 12.27 -3.38
C GLN A 13 -16.84 10.97 -4.17
N PHE A 14 -16.80 9.81 -3.53
CA PHE A 14 -16.65 8.58 -4.24
C PHE A 14 -17.94 8.25 -5.01
N PRO A 15 -17.83 7.61 -6.18
CA PRO A 15 -19.05 7.17 -6.84
C PRO A 15 -19.81 6.18 -6.00
N ALA A 16 -21.12 6.09 -6.23
CA ALA A 16 -21.98 5.19 -5.43
C ALA A 16 -21.45 3.77 -5.39
N ALA A 17 -21.02 3.25 -6.53
CA ALA A 17 -20.53 1.88 -6.59
C ALA A 17 -19.33 1.63 -5.68
N THR A 18 -18.45 2.61 -5.57
CA THR A 18 -17.31 2.56 -4.65
C THR A 18 -17.78 2.72 -3.23
N GLN A 19 -18.69 3.68 -2.97
CA GLN A 19 -19.25 3.82 -1.60
C GLN A 19 -19.82 2.50 -1.11
N GLU A 20 -20.63 1.87 -1.96
CA GLU A 20 -21.31 0.62 -1.60
C GLU A 20 -20.29 -0.44 -1.12
N LYS A 21 -19.26 -0.65 -1.91
CA LYS A 21 -18.22 -1.64 -1.58
C LYS A 21 -17.47 -1.29 -0.28
N LEU A 22 -17.08 -0.04 -0.13
CA LEU A 22 -16.35 0.42 1.08
C LEU A 22 -17.20 0.25 2.33
N ILE A 23 -18.50 0.45 2.23
CA ILE A 23 -19.39 0.25 3.35
C ILE A 23 -19.48 -1.24 3.74
N GLU A 24 -19.53 -2.08 2.74
CA GLU A 24 -19.53 -3.49 2.95
C GLU A 24 -18.23 -3.91 3.72
N PHE A 25 -17.10 -3.41 3.22
CA PHE A 25 -15.77 -3.81 3.77
C PHE A 25 -15.62 -3.34 5.18
N PHE A 26 -15.89 -2.06 5.42
CA PHE A 26 -15.77 -1.48 6.75
C PHE A 26 -16.82 -2.00 7.68
N GLY A 27 -17.99 -2.34 7.12
CA GLY A 27 -19.08 -2.91 7.89
C GLY A 27 -18.70 -4.25 8.50
N LYS A 28 -17.96 -5.05 7.76
CA LYS A 28 -17.42 -6.33 8.23
CA LYS A 28 -17.45 -6.34 8.25
C LYS A 28 -16.51 -6.16 9.44
N LEU A 29 -15.63 -5.15 9.39
CA LEU A 29 -14.77 -4.82 10.53
C LEU A 29 -15.60 -4.47 11.74
N LYS A 30 -16.57 -3.59 11.56
CA LYS A 30 -17.44 -3.13 12.68
C LYS A 30 -18.19 -4.31 13.31
N GLN A 31 -18.54 -5.32 12.51
CA GLN A 31 -19.20 -6.52 13.01
C GLN A 31 -18.29 -7.31 13.93
N LYS A 32 -17.00 -7.21 13.70
CA LYS A 32 -16.00 -7.86 14.54
C LYS A 32 -15.52 -6.94 15.65
N ASP A 33 -16.30 -5.93 15.99
CA ASP A 33 -15.86 -4.85 16.89
C ASP A 33 -14.46 -4.31 16.63
N MET A 34 -14.12 -4.13 15.35
CA MET A 34 -12.98 -3.29 14.99
C MET A 34 -13.64 -2.03 14.51
N ASN A 35 -13.62 -0.95 15.29
CA ASN A 35 -14.25 0.30 14.87
C ASN A 35 -13.25 1.29 14.29
N SER A 36 -12.02 0.83 14.13
CA SER A 36 -10.99 1.59 13.47
C SER A 36 -9.92 0.69 12.93
N MET A 37 -9.18 1.19 11.95
CA MET A 37 -7.99 0.46 11.48
C MET A 37 -6.90 1.44 11.12
N THR A 38 -5.66 0.99 11.27
CA THR A 38 -4.47 1.80 10.99
C THR A 38 -3.58 1.15 9.92
N VAL A 39 -3.40 1.92 8.86
CA VAL A 39 -2.62 1.54 7.70
C VAL A 39 -1.31 2.31 7.66
N LEU A 40 -0.19 1.58 7.62
CA LEU A 40 1.14 2.21 7.47
C LEU A 40 1.54 2.09 6.00
N VAL A 41 2.08 3.16 5.43
CA VAL A 41 2.55 3.15 4.06
C VAL A 41 4.05 3.37 4.00
N LEU A 42 4.81 2.43 3.44
CA LEU A 42 6.27 2.52 3.30
C LEU A 42 6.67 2.40 1.86
N GLY A 43 7.85 2.95 1.55
CA GLY A 43 8.39 2.81 0.23
C GLY A 43 9.59 3.73 0.01
N LYS A 44 10.19 3.59 -1.16
CA LYS A 44 11.21 4.48 -1.60
C LYS A 44 10.55 5.83 -1.92
N GLY A 45 11.30 6.91 -1.99
CA GLY A 45 10.75 8.19 -2.49
C GLY A 45 10.23 8.07 -3.92
N GLY A 46 9.21 8.83 -4.22
CA GLY A 46 8.75 9.05 -5.57
C GLY A 46 7.98 7.89 -6.16
N VAL A 47 7.45 7.00 -5.33
CA VAL A 47 6.70 5.86 -5.87
C VAL A 47 5.17 6.03 -5.86
N GLY A 48 4.70 7.14 -5.30
CA GLY A 48 3.28 7.46 -5.17
C GLY A 48 2.64 7.06 -3.83
N LYS A 49 3.41 7.03 -2.75
CA LYS A 49 2.83 6.78 -1.42
C LYS A 49 1.78 7.87 -1.07
N SER A 50 2.17 9.14 -1.14
CA SER A 50 1.24 10.21 -0.78
C SER A 50 0.05 10.27 -1.72
N SER A 51 0.31 10.09 -3.01
CA SER A 51 -0.74 10.08 -3.98
C SER A 51 -1.76 8.98 -3.66
N THR A 52 -1.30 7.79 -3.32
CA THR A 52 -2.20 6.69 -2.99
C THR A 52 -3.01 6.95 -1.71
N VAL A 53 -2.36 7.54 -0.72
CA VAL A 53 -3.09 8.01 0.44
C VAL A 53 -4.23 8.99 0.09
N ASN A 54 -3.96 10.00 -0.73
CA ASN A 54 -4.97 10.96 -1.11
C ASN A 54 -6.06 10.23 -1.91
N SER A 55 -5.69 9.24 -2.73
CA SER A 55 -6.70 8.49 -3.47
C SER A 55 -7.66 7.74 -2.53
N LEU A 56 -7.09 7.13 -1.49
CA LEU A 56 -7.88 6.37 -0.53
C LEU A 56 -8.77 7.23 0.31
N ILE A 57 -8.30 8.42 0.67
CA ILE A 57 -9.11 9.34 1.50
C ILE A 57 -10.07 10.13 0.67
N GLY A 58 -9.76 10.32 -0.63
CA GLY A 58 -10.56 11.16 -1.50
C GLY A 58 -10.52 12.65 -1.15
N GLU A 59 -9.47 13.07 -0.47
CA GLU A 59 -9.19 14.48 -0.13
C GLU A 59 -7.68 14.68 -0.28
N GLN A 60 -7.25 15.95 -0.39
CA GLN A 60 -5.83 16.25 -0.51
C GLN A 60 -5.36 16.43 0.92
N VAL A 61 -4.89 15.37 1.52
CA VAL A 61 -4.53 15.37 2.92
C VAL A 61 -3.01 15.31 3.09
N VAL A 62 -2.29 14.83 2.08
CA VAL A 62 -0.82 14.83 2.12
C VAL A 62 -0.24 15.46 0.87
N ARG A 63 0.99 15.95 0.99
CA ARG A 63 1.61 16.69 -0.08
C ARG A 63 2.26 15.77 -1.14
N VAL A 64 1.93 15.98 -2.40
CA VAL A 64 2.48 15.20 -3.51
C VAL A 64 3.45 16.09 -4.24
N SER A 65 4.55 15.53 -4.73
CA SER A 65 5.56 16.33 -5.42
C SER A 65 6.50 15.43 -6.16
N PRO A 66 7.02 15.88 -7.32
CA PRO A 66 8.05 15.11 -7.97
C PRO A 66 9.33 15.03 -7.11
N PHE A 67 9.53 15.99 -6.23
CA PHE A 67 10.73 16.00 -5.38
C PHE A 67 10.41 15.60 -3.98
N GLN A 68 11.35 14.89 -3.34
CA GLN A 68 11.22 14.49 -1.94
CA GLN A 68 11.12 14.54 -1.96
C GLN A 68 11.51 15.73 -1.10
N ALA A 69 10.54 16.20 -0.32
CA ALA A 69 10.69 17.41 0.52
C ALA A 69 11.91 17.33 1.43
N GLY A 71 13.78 16.87 4.61
CA GLY A 71 13.77 15.91 5.73
C GLY A 71 12.39 15.69 6.36
N LEU A 72 11.42 15.19 5.61
CA LEU A 72 10.12 15.28 6.23
C LEU A 72 9.65 14.12 7.07
N ARG A 73 8.62 14.43 7.87
CA ARG A 73 8.20 13.60 9.01
C ARG A 73 7.04 12.73 8.62
N PRO A 74 6.86 11.60 9.33
CA PRO A 74 5.64 10.81 9.18
C PRO A 74 4.43 11.65 9.57
N VAL A 75 3.28 11.35 8.99
CA VAL A 75 2.04 12.07 9.27
C VAL A 75 0.95 11.00 9.40
N MET A 76 0.04 11.14 10.36
CA MET A 76 -1.15 10.28 10.37
C MET A 76 -2.37 11.10 9.90
N VAL A 77 -3.10 10.56 8.93
CA VAL A 77 -4.34 11.17 8.47
C VAL A 77 -5.45 10.28 9.01
N SER A 78 -6.49 10.89 9.58
CA SER A 78 -7.56 10.11 10.21
C SER A 78 -8.90 10.67 9.75
N ARG A 79 -9.82 9.79 9.41
CA ARG A 79 -11.14 10.23 9.00
C ARG A 79 -12.13 9.30 9.65
N THR A 80 -13.29 9.83 10.01
CA THR A 80 -14.29 9.04 10.69
C THR A 80 -15.65 9.23 10.05
N MET A 81 -16.39 8.14 10.04
CA MET A 81 -17.68 8.04 9.40
C MET A 81 -18.51 6.96 10.08
N GLY A 82 -19.71 7.32 10.52
CA GLY A 82 -20.62 6.36 11.17
C GLY A 82 -20.00 5.45 12.21
N GLY A 83 -19.12 6.00 13.04
CA GLY A 83 -18.51 5.25 14.14
C GLY A 83 -17.31 4.42 13.72
N PHE A 84 -16.91 4.54 12.45
CA PHE A 84 -15.69 3.84 11.98
C PHE A 84 -14.62 4.84 11.61
N THR A 85 -13.37 4.57 11.98
CA THR A 85 -12.24 5.47 11.77
C THR A 85 -11.09 4.80 11.01
N ILE A 86 -10.61 5.49 9.98
CA ILE A 86 -9.48 5.02 9.20
C ILE A 86 -8.32 5.98 9.50
N ASN A 87 -7.19 5.40 9.86
CA ASN A 87 -5.97 6.10 10.11
C ASN A 87 -4.95 5.60 9.10
N ILE A 88 -4.30 6.51 8.40
CA ILE A 88 -3.29 6.15 7.44
C ILE A 88 -2.07 6.96 7.73
N ILE A 89 -0.94 6.26 7.89
CA ILE A 89 0.35 6.89 8.20
C ILE A 89 1.21 6.93 6.95
N ASP A 90 1.42 8.15 6.48
CA ASP A 90 2.29 8.44 5.34
C ASP A 90 3.67 8.74 5.91
N THR A 91 4.67 8.48 5.08
CA THR A 91 6.05 8.45 5.51
C THR A 91 7.05 9.03 4.50
N PRO A 92 8.23 9.44 5.01
CA PRO A 92 9.36 9.83 4.17
C PRO A 92 9.95 8.61 3.49
N GLY A 93 10.52 8.80 2.31
CA GLY A 93 11.08 7.72 1.54
C GLY A 93 12.26 7.02 2.24
N LEU A 94 12.44 5.75 1.89
CA LEU A 94 13.37 4.87 2.60
C LEU A 94 14.78 4.79 2.01
N VAL A 95 14.98 5.50 0.89
CA VAL A 95 16.29 5.54 0.19
C VAL A 95 16.74 6.97 0.01
N GLU A 96 18.02 7.22 0.25
CA GLU A 96 18.57 8.54 0.06
C GLU A 96 19.96 8.42 -0.50
N ALA A 97 20.17 8.97 -1.69
CA ALA A 97 21.50 9.05 -2.26
C ALA A 97 22.09 7.68 -2.50
N GLY A 98 21.22 6.75 -2.95
CA GLY A 98 21.65 5.39 -3.29
C GLY A 98 21.77 4.42 -2.12
N TYR A 99 21.48 4.88 -0.92
CA TYR A 99 21.44 4.01 0.23
C TYR A 99 20.13 4.09 0.95
N VAL A 100 19.91 3.07 1.77
CA VAL A 100 18.77 3.06 2.68
C VAL A 100 18.96 4.22 3.61
N ASN A 101 17.91 4.99 3.85
CA ASN A 101 17.93 6.03 4.87
C ASN A 101 17.48 5.50 6.23
N HIS A 102 18.43 5.11 7.07
CA HIS A 102 18.12 4.56 8.41
C HIS A 102 17.53 5.61 9.38
N GLN A 103 17.87 6.88 9.17
CA GLN A 103 17.33 7.92 10.01
C GLN A 103 15.83 8.05 9.75
N ALA A 104 15.43 7.95 8.48
CA ALA A 104 14.00 7.96 8.10
C ALA A 104 13.29 6.82 8.79
N LEU A 105 13.89 5.64 8.76
CA LEU A 105 13.26 4.44 9.36
C LEU A 105 13.11 4.59 10.86
N GLU A 106 14.15 5.12 11.52
CA GLU A 106 14.07 5.39 12.95
C GLU A 106 13.03 6.42 13.32
N LEU A 107 12.89 7.47 12.53
CA LEU A 107 11.81 8.43 12.71
C LEU A 107 10.44 7.77 12.62
N ILE A 108 10.24 6.96 11.57
CA ILE A 108 8.99 6.26 11.42
C ILE A 108 8.75 5.37 12.59
N LYS A 109 9.73 4.56 12.97
CA LYS A 109 9.56 3.67 14.11
C LYS A 109 9.22 4.48 15.35
N GLY A 110 9.90 5.61 15.56
CA GLY A 110 9.63 6.47 16.76
C GLY A 110 8.18 6.95 16.75
N PHE A 111 7.75 7.38 15.57
CA PHE A 111 6.38 7.82 15.37
C PHE A 111 5.37 6.73 15.68
N LEU A 112 5.76 5.47 15.50
CA LEU A 112 4.84 4.36 15.73
C LEU A 112 4.76 3.84 17.17
N VAL A 113 5.52 4.41 18.11
CA VAL A 113 5.55 3.87 19.45
C VAL A 113 4.14 3.90 20.00
N ASN A 114 3.75 2.79 20.62
CA ASN A 114 2.42 2.69 21.23
C ASN A 114 1.32 2.31 20.24
N ARG A 115 1.54 2.60 18.95
CA ARG A 115 0.51 2.36 17.93
C ARG A 115 0.41 0.91 17.48
N THR A 116 -0.77 0.52 17.05
CA THR A 116 -0.96 -0.79 16.51
C THR A 116 -1.19 -0.62 15.00
N ILE A 117 -0.36 -1.30 14.20
CA ILE A 117 -0.49 -1.31 12.75
C ILE A 117 -1.21 -2.56 12.25
N ASP A 118 -2.36 -2.34 11.66
CA ASP A 118 -3.17 -3.41 11.13
C ASP A 118 -2.71 -3.93 9.76
N VAL A 119 -2.20 -3.03 8.91
CA VAL A 119 -1.81 -3.35 7.54
C VAL A 119 -0.64 -2.47 7.15
N LEU A 120 0.37 -3.09 6.55
CA LEU A 120 1.40 -2.33 5.83
C LEU A 120 1.15 -2.33 4.33
N LEU A 121 1.21 -1.16 3.72
CA LEU A 121 1.28 -1.07 2.25
C LEU A 121 2.74 -0.80 1.91
N TYR A 122 3.37 -1.76 1.23
CA TYR A 122 4.73 -1.56 0.68
C TYR A 122 4.53 -1.15 -0.77
N VAL A 123 4.88 0.09 -1.07
CA VAL A 123 4.53 0.71 -2.36
C VAL A 123 5.74 0.84 -3.28
N ASP A 124 5.57 0.43 -4.55
CA ASP A 124 6.57 0.69 -5.61
C ASP A 124 5.81 0.93 -6.92
N ARG A 125 6.52 1.38 -7.96
CA ARG A 125 5.94 1.60 -9.25
C ARG A 125 5.85 0.34 -10.08
N LEU A 126 4.77 0.22 -10.82
CA LEU A 126 4.68 -0.86 -11.82
C LEU A 126 5.68 -0.71 -13.00
N ASP A 127 5.85 0.54 -13.44
CA ASP A 127 6.53 0.84 -14.67
C ASP A 127 8.07 0.95 -14.56
N VAL A 128 8.65 -0.07 -13.94
CA VAL A 128 10.07 -0.19 -13.66
C VAL A 128 10.55 -1.55 -14.15
N TYR A 129 11.73 -1.56 -14.71
CA TYR A 129 12.18 -2.69 -15.51
C TYR A 129 13.02 -3.70 -14.77
N ALA A 130 13.46 -3.37 -13.56
CA ALA A 130 14.32 -4.29 -12.78
C ALA A 130 14.18 -3.97 -11.34
N VAL A 131 14.40 -4.97 -10.49
CA VAL A 131 14.69 -4.74 -9.06
C VAL A 131 16.20 -4.77 -8.93
N ASP A 132 16.74 -4.13 -7.90
CA ASP A 132 18.19 -4.09 -7.73
C ASP A 132 18.54 -4.28 -6.26
N GLU A 133 19.82 -4.12 -5.92
CA GLU A 133 20.27 -4.50 -4.59
C GLU A 133 19.62 -3.60 -3.57
N LEU A 134 19.45 -2.33 -3.95
CA LEU A 134 18.84 -1.35 -3.08
C LEU A 134 17.43 -1.76 -2.63
N ASP A 135 16.70 -2.43 -3.51
CA ASP A 135 15.33 -2.84 -3.16
C ASP A 135 15.39 -3.91 -2.07
N LYS A 136 16.33 -4.83 -2.22
CA LYS A 136 16.53 -5.86 -1.23
C LYS A 136 16.99 -5.22 0.09
N GLN A 137 17.88 -4.24 0.04
CA GLN A 137 18.33 -3.56 1.26
C GLN A 137 17.20 -2.82 1.95
N VAL A 138 16.29 -2.24 1.19
CA VAL A 138 15.09 -1.63 1.78
C VAL A 138 14.28 -2.68 2.53
N VAL A 139 14.07 -3.86 1.94
CA VAL A 139 13.40 -4.96 2.63
C VAL A 139 14.12 -5.42 3.92
N ILE A 140 15.42 -5.60 3.80
CA ILE A 140 16.24 -5.97 4.92
C ILE A 140 16.08 -4.98 6.10
N ALA A 141 16.11 -3.69 5.77
CA ALA A 141 15.98 -2.62 6.79
C ALA A 141 14.59 -2.57 7.44
N ILE A 142 13.57 -2.79 6.64
CA ILE A 142 12.23 -2.89 7.17
C ILE A 142 12.11 -4.10 8.13
N THR A 143 12.69 -5.24 7.72
CA THR A 143 12.68 -6.44 8.56
C THR A 143 13.40 -6.18 9.89
N GLN A 144 14.53 -5.48 9.84
CA GLN A 144 15.32 -5.18 11.09
C GLN A 144 14.58 -4.22 12.03
N THR A 145 13.84 -3.29 11.46
CA THR A 145 13.11 -2.26 12.21
C THR A 145 11.85 -2.77 12.85
N PHE A 146 11.07 -3.56 12.11
CA PHE A 146 9.80 -4.00 12.56
C PHE A 146 9.65 -5.47 12.81
N GLY A 147 10.66 -6.27 12.47
CA GLY A 147 10.55 -7.72 12.60
C GLY A 147 10.03 -8.44 11.37
N LYS A 148 10.34 -9.71 11.27
CA LYS A 148 9.81 -10.54 10.18
C LYS A 148 8.27 -10.59 10.10
N GLU A 149 7.61 -10.41 11.24
N GLU A 149 7.60 -10.43 11.23
CA GLU A 149 6.17 -10.60 11.28
CA GLU A 149 6.15 -10.60 11.27
C GLU A 149 5.37 -9.53 10.54
C GLU A 149 5.38 -9.55 10.47
N ILE A 150 5.99 -8.40 10.23
CA ILE A 150 5.30 -7.35 9.48
C ILE A 150 4.83 -7.86 8.13
N TRP A 151 5.56 -8.83 7.54
CA TRP A 151 5.32 -9.29 6.19
C TRP A 151 4.04 -10.14 6.08
N CYS A 152 3.54 -10.66 7.21
CA CYS A 152 2.27 -11.38 7.24
CA CYS A 152 2.27 -11.38 7.21
C CYS A 152 1.10 -10.41 7.35
N LYS A 153 1.39 -9.11 7.50
CA LYS A 153 0.38 -8.07 7.46
C LYS A 153 0.62 -7.01 6.37
N THR A 154 1.20 -7.43 5.24
CA THR A 154 1.64 -6.51 4.18
C THR A 154 0.93 -6.80 2.86
N LEU A 155 0.70 -5.73 2.11
CA LEU A 155 0.28 -5.83 0.71
C LEU A 155 1.30 -5.10 -0.11
N LEU A 156 1.62 -5.64 -1.28
CA LEU A 156 2.49 -5.00 -2.26
C LEU A 156 1.57 -4.17 -3.16
N VAL A 157 1.79 -2.86 -3.16
CA VAL A 157 0.94 -1.93 -3.95
C VAL A 157 1.81 -1.33 -5.04
N LEU A 158 1.40 -1.58 -6.29
CA LEU A 158 2.09 -1.10 -7.50
C LEU A 158 1.30 0.00 -8.18
N THR A 159 1.91 1.18 -8.19
CA THR A 159 1.30 2.38 -8.70
C THR A 159 1.62 2.44 -10.22
N HIS A 160 1.09 3.47 -10.87
CA HIS A 160 1.24 3.65 -12.36
C HIS A 160 0.66 2.48 -13.12
N ALA A 161 -0.45 1.93 -12.62
CA ALA A 161 -1.01 0.71 -13.19
C ALA A 161 -1.49 0.90 -14.62
N GLN A 162 -1.73 2.12 -15.08
CA GLN A 162 -2.18 2.30 -16.48
C GLN A 162 -1.03 2.29 -17.52
N PHE A 163 0.17 1.95 -17.06
CA PHE A 163 1.32 1.71 -17.91
C PHE A 163 1.08 0.74 -19.07
N SER A 164 1.57 1.14 -20.24
CA SER A 164 1.47 0.34 -21.43
C SER A 164 2.89 -0.02 -21.89
N PRO A 165 3.27 -1.29 -21.82
CA PRO A 165 4.66 -1.62 -22.11
C PRO A 165 5.00 -1.38 -23.57
N PRO A 166 6.28 -1.20 -23.86
CA PRO A 166 6.64 -0.94 -25.24
C PRO A 166 6.64 -2.15 -26.14
N ASP A 167 6.66 -1.84 -27.44
CA ASP A 167 6.89 -2.81 -28.48
C ASP A 167 5.90 -3.98 -28.36
N GLU A 168 6.41 -5.22 -28.34
CA GLU A 168 5.55 -6.41 -28.43
C GLU A 168 5.01 -6.91 -27.09
N LEU A 169 5.59 -6.38 -26.01
CA LEU A 169 5.34 -6.90 -24.69
C LEU A 169 3.91 -6.74 -24.19
N SER A 170 3.33 -7.81 -23.64
CA SER A 170 1.98 -7.69 -23.12
C SER A 170 2.01 -7.06 -21.72
N TYR A 171 0.94 -6.34 -21.38
CA TYR A 171 0.76 -5.87 -20.00
C TYR A 171 0.81 -7.00 -18.96
N GLU A 172 0.10 -8.07 -19.23
CA GLU A 172 0.09 -9.21 -18.32
C GLU A 172 1.46 -9.84 -18.08
N THR A 173 2.27 -10.04 -19.13
CA THR A 173 3.61 -10.57 -18.91
C THR A 173 4.48 -9.55 -18.14
N PHE A 174 4.40 -8.29 -18.55
CA PHE A 174 5.22 -7.30 -17.89
C PHE A 174 4.89 -7.19 -16.40
N SER A 175 3.59 -7.10 -16.08
N SER A 175 3.59 -7.10 -16.08
CA SER A 175 3.14 -6.91 -14.70
CA SER A 175 3.12 -6.93 -14.71
C SER A 175 3.37 -8.14 -13.84
C SER A 175 3.41 -8.14 -13.85
N SER A 176 3.21 -9.35 -14.38
CA SER A 176 3.47 -10.57 -13.61
C SER A 176 4.95 -10.71 -13.33
N LYS A 177 5.79 -10.33 -14.29
CA LYS A 177 7.22 -10.30 -14.00
C LYS A 177 7.62 -9.27 -12.95
N ARG A 178 7.07 -8.07 -13.05
CA ARG A 178 7.41 -6.99 -12.11
C ARG A 178 7.00 -7.44 -10.69
N SER A 179 5.77 -7.90 -10.53
CA SER A 179 5.26 -8.29 -9.19
C SER A 179 6.03 -9.49 -8.63
N ASP A 180 6.29 -10.48 -9.47
N ASP A 180 6.29 -10.48 -9.47
CA ASP A 180 7.10 -11.66 -9.08
CA ASP A 180 7.07 -11.66 -9.07
C ASP A 180 8.49 -11.25 -8.60
C ASP A 180 8.51 -11.32 -8.66
N SER A 181 9.16 -10.37 -9.35
CA SER A 181 10.50 -9.92 -8.98
C SER A 181 10.56 -9.20 -7.63
N LEU A 182 9.54 -8.39 -7.35
CA LEU A 182 9.43 -7.74 -6.08
C LEU A 182 9.11 -8.72 -4.95
N LEU A 183 8.20 -9.65 -5.18
CA LEU A 183 7.86 -10.66 -4.18
C LEU A 183 9.10 -11.49 -3.84
N LYS A 184 9.88 -11.85 -4.83
N LYS A 184 9.86 -11.88 -4.86
CA LYS A 184 11.11 -12.62 -4.59
CA LYS A 184 11.14 -12.59 -4.69
C LYS A 184 12.15 -11.81 -3.82
C LYS A 184 12.03 -11.79 -3.74
N THR A 185 12.14 -10.49 -4.02
CA THR A 185 12.99 -9.58 -3.27
C THR A 185 12.55 -9.51 -1.81
N ILE A 186 11.23 -9.42 -1.59
CA ILE A 186 10.70 -9.46 -0.23
C ILE A 186 11.09 -10.75 0.45
N ARG A 187 10.90 -11.88 -0.22
N ARG A 187 10.88 -11.86 -0.23
CA ARG A 187 11.26 -13.15 0.39
CA ARG A 187 11.25 -13.17 0.33
C ARG A 187 12.75 -13.17 0.77
C ARG A 187 12.74 -13.21 0.75
N ALA A 188 13.63 -12.77 -0.15
CA ALA A 188 15.07 -12.71 0.10
C ALA A 188 15.48 -11.82 1.28
N GLY A 189 14.94 -10.60 1.30
CA GLY A 189 15.32 -9.59 2.28
C GLY A 189 14.76 -9.87 3.65
N SER A 190 13.63 -10.58 3.66
CA SER A 190 12.97 -10.98 4.92
C SER A 190 13.56 -12.30 5.46
N LYS A 191 14.40 -12.95 4.67
CA LYS A 191 15.04 -14.25 5.02
C LYS A 191 14.05 -15.39 5.14
N MET A 192 12.90 -15.28 4.49
CA MET A 192 11.85 -16.25 4.75
C MET A 192 12.12 -17.45 3.92
N ARG A 193 11.85 -18.62 4.51
CA ARG A 193 11.86 -19.87 3.76
C ARG A 193 10.67 -19.96 2.83
N LYS A 194 10.79 -20.83 1.82
CA LYS A 194 9.82 -20.87 0.73
C LYS A 194 8.39 -21.08 1.23
N GLN A 195 8.21 -22.00 2.18
CA GLN A 195 6.90 -22.27 2.76
C GLN A 195 6.43 -21.17 3.69
N GLU A 196 7.36 -20.68 4.49
CA GLU A 196 7.08 -19.58 5.36
C GLU A 196 6.59 -18.40 4.47
N PHE A 197 7.28 -18.20 3.38
CA PHE A 197 6.91 -17.09 2.50
C PHE A 197 5.54 -17.31 1.86
N GLU A 198 5.33 -18.51 1.34
CA GLU A 198 4.00 -18.85 0.79
C GLU A 198 2.90 -18.63 1.81
N ASP A 199 3.16 -19.04 3.04
CA ASP A 199 2.19 -18.86 4.11
C ASP A 199 1.91 -17.38 4.44
N SER A 200 2.89 -16.47 4.35
CA SER A 200 2.61 -15.04 4.60
C SER A 200 1.55 -14.49 3.64
N ALA A 201 1.46 -15.10 2.46
CA ALA A 201 0.37 -14.83 1.51
C ALA A 201 0.27 -13.33 1.13
N ILE A 202 1.38 -12.73 0.77
CA ILE A 202 1.41 -11.32 0.37
C ILE A 202 0.71 -11.11 -0.98
N ALA A 203 -0.39 -10.38 -0.97
CA ALA A 203 -1.17 -10.10 -2.17
C ALA A 203 -0.63 -8.85 -2.85
N VAL A 204 -0.77 -8.80 -4.18
CA VAL A 204 -0.37 -7.65 -5.01
C VAL A 204 -1.63 -6.89 -5.46
N VAL A 205 -1.62 -5.59 -5.25
N VAL A 205 -1.65 -5.58 -5.25
CA VAL A 205 -2.77 -4.74 -5.62
CA VAL A 205 -2.81 -4.77 -5.65
C VAL A 205 -2.23 -3.65 -6.49
C VAL A 205 -2.31 -3.56 -6.40
N TYR A 206 -3.02 -3.22 -7.48
CA TYR A 206 -2.61 -2.23 -8.42
C TYR A 206 -3.33 -0.93 -8.20
N ALA A 207 -2.63 0.15 -8.47
CA ALA A 207 -3.15 1.51 -8.32
C ALA A 207 -2.75 2.42 -9.46
N GLU A 208 -3.64 3.36 -9.80
CA GLU A 208 -3.34 4.39 -10.77
C GLU A 208 -3.85 5.71 -10.23
N ASN A 209 -2.95 6.54 -9.78
CA ASN A 209 -3.31 7.80 -9.17
C ASN A 209 -3.47 8.93 -10.18
N SER A 210 -3.12 8.70 -11.43
CA SER A 210 -3.16 9.73 -12.40
C SER A 210 -4.59 10.25 -12.57
N GLY A 211 -4.71 11.58 -12.66
CA GLY A 211 -5.95 12.23 -13.16
C GLY A 211 -6.43 11.72 -14.49
N ARG A 212 -5.53 11.17 -15.28
CA ARG A 212 -5.91 10.56 -16.55
C ARG A 212 -6.31 9.11 -16.46
N CYS A 213 -6.43 8.54 -15.24
CA CYS A 213 -6.91 7.15 -15.10
C CYS A 213 -8.21 6.89 -15.84
N SER A 214 -8.29 5.78 -16.58
CA SER A 214 -9.55 5.29 -17.15
C SER A 214 -10.58 5.06 -16.08
N LYS A 215 -11.85 5.18 -16.50
CA LYS A 215 -12.95 4.95 -15.61
C LYS A 215 -13.80 3.84 -16.17
N ASN A 216 -14.39 3.02 -15.31
CA ASN A 216 -15.28 2.02 -15.78
C ASN A 216 -16.69 2.64 -16.05
N ASP A 217 -17.70 1.82 -16.29
N ASP A 217 -17.70 1.80 -16.27
CA ASP A 217 -19.04 2.31 -16.66
CA ASP A 217 -19.04 2.30 -16.63
C ASP A 217 -19.89 2.64 -15.42
C ASP A 217 -19.86 2.76 -15.44
N LYS A 218 -19.26 2.69 -14.26
CA LYS A 218 -19.86 3.22 -13.02
C LYS A 218 -19.09 4.45 -12.48
N ASP A 219 -18.30 5.06 -13.34
CA ASP A 219 -17.48 6.25 -13.06
C ASP A 219 -16.44 6.04 -11.99
N GLU A 220 -16.01 4.79 -11.82
CA GLU A 220 -14.93 4.46 -10.90
C GLU A 220 -13.61 4.38 -11.62
N LYS A 221 -12.54 4.86 -10.96
CA LYS A 221 -11.22 4.76 -11.49
C LYS A 221 -10.86 3.27 -11.64
N ALA A 222 -10.44 2.91 -12.86
CA ALA A 222 -10.31 1.50 -13.22
C ALA A 222 -8.91 1.15 -13.66
N LEU A 223 -8.58 -0.10 -13.46
CA LEU A 223 -7.35 -0.72 -13.99
C LEU A 223 -7.56 -1.08 -15.45
N PRO A 224 -6.49 -1.34 -16.21
CA PRO A 224 -6.68 -1.88 -17.58
C PRO A 224 -7.69 -3.06 -17.70
N ASN A 225 -7.74 -3.96 -16.70
CA ASN A 225 -8.79 -5.00 -16.67
C ASN A 225 -10.20 -4.51 -16.39
N GLY A 226 -10.39 -3.21 -16.21
CA GLY A 226 -11.71 -2.69 -15.95
C GLY A 226 -12.16 -2.67 -14.50
N GLU A 227 -11.42 -3.32 -13.60
CA GLU A 227 -11.82 -3.31 -12.18
C GLU A 227 -11.58 -1.99 -11.53
N ALA A 228 -12.50 -1.62 -10.64
CA ALA A 228 -12.37 -0.44 -9.81
C ALA A 228 -11.22 -0.65 -8.74
N TRP A 229 -10.13 0.13 -8.84
CA TRP A 229 -8.95 -0.14 -8.06
C TRP A 229 -9.02 0.32 -6.64
N ILE A 230 -9.78 1.38 -6.33
CA ILE A 230 -9.86 1.85 -4.98
C ILE A 230 -10.65 0.87 -4.14
N PRO A 231 -11.83 0.43 -4.58
CA PRO A 231 -12.43 -0.67 -3.81
C PRO A 231 -11.58 -1.97 -3.70
N ASN A 232 -10.88 -2.34 -4.77
N ASN A 232 -10.87 -2.31 -4.75
CA ASN A 232 -9.97 -3.48 -4.70
CA ASN A 232 -10.03 -3.48 -4.69
C ASN A 232 -8.98 -3.31 -3.55
C ASN A 232 -8.91 -3.35 -3.64
N LEU A 233 -8.34 -2.15 -3.52
CA LEU A 233 -7.31 -1.89 -2.48
C LEU A 233 -7.95 -1.90 -1.08
N VAL A 234 -9.14 -1.30 -0.94
CA VAL A 234 -9.81 -1.36 0.37
C VAL A 234 -10.20 -2.80 0.77
N LYS A 235 -10.63 -3.60 -0.21
CA LYS A 235 -10.95 -5.04 0.02
C LYS A 235 -9.70 -5.76 0.59
N ALA A 236 -8.57 -5.49 -0.04
CA ALA A 236 -7.31 -6.12 0.35
C ALA A 236 -6.86 -5.64 1.72
N ILE A 237 -7.00 -4.34 2.00
CA ILE A 237 -6.63 -3.78 3.32
C ILE A 237 -7.48 -4.41 4.44
N THR A 238 -8.79 -4.47 4.21
CA THR A 238 -9.66 -4.97 5.22
C THR A 238 -9.48 -6.49 5.39
N ASP A 239 -9.16 -7.21 4.31
CA ASP A 239 -8.77 -8.63 4.39
C ASP A 239 -7.60 -8.83 5.35
N VAL A 240 -6.51 -8.08 5.11
CA VAL A 240 -5.34 -8.14 5.97
C VAL A 240 -5.64 -7.70 7.41
N ALA A 241 -6.43 -6.66 7.55
CA ALA A 241 -6.75 -6.18 8.88
C ALA A 241 -7.47 -7.24 9.69
N THR A 242 -8.16 -8.16 9.05
CA THR A 242 -8.96 -9.15 9.74
C THR A 242 -8.46 -10.58 9.49
N ASN A 243 -7.18 -10.73 9.12
CA ASN A 243 -6.61 -12.03 8.81
C ASN A 243 -6.27 -12.81 10.07
N GLN A 244 -6.43 -12.18 11.24
CA GLN A 244 -6.18 -12.91 12.49
C GLN A 244 -4.71 -13.37 12.68
N ARG A 245 -3.81 -12.89 11.83
CA ARG A 245 -2.41 -12.80 12.21
C ARG A 245 -2.41 -11.62 13.12
N LYS A 246 -1.49 -11.60 14.06
CA LYS A 246 -1.42 -10.50 15.03
C LYS A 246 -0.88 -9.22 14.37
N ALA A 247 -1.53 -8.11 14.70
CA ALA A 247 -1.12 -6.76 14.26
C ALA A 247 0.27 -6.45 14.75
N ILE A 248 0.82 -5.34 14.29
CA ILE A 248 2.18 -5.01 14.61
C ILE A 248 2.16 -3.87 15.61
N HIS A 249 2.66 -4.17 16.80
CA HIS A 249 2.84 -3.19 17.86
C HIS A 249 4.32 -2.84 17.88
N VAL A 250 4.60 -1.57 18.14
CA VAL A 250 5.95 -1.05 18.22
C VAL A 250 6.13 -0.50 19.62
MG MG B . 5.03 11.38 -0.06
PB GDP C . 5.91 9.64 -2.76
O1B GDP C . 6.06 8.15 -2.77
O2B GDP C . 7.26 10.39 -2.68
O3B GDP C . 5.07 10.05 -1.62
O3A GDP C . 5.20 9.94 -4.20
PA GDP C . 4.14 11.11 -4.55
O1A GDP C . 4.58 12.45 -3.96
O2A GDP C . 2.74 10.70 -4.24
O5' GDP C . 4.19 11.08 -6.14
C5' GDP C . 5.43 11.31 -6.78
C4' GDP C . 5.15 11.70 -8.22
O4' GDP C . 4.60 10.59 -8.96
C3' GDP C . 4.12 12.81 -8.27
O3' GDP C . 4.52 13.72 -9.28
C2' GDP C . 2.82 12.14 -8.57
O2' GDP C . 1.86 12.94 -9.31
C1' GDP C . 3.29 10.97 -9.42
N9 GDP C . 2.47 9.80 -9.24
C8 GDP C . 2.20 9.20 -8.05
N7 GDP C . 1.46 8.07 -8.23
C5 GDP C . 1.24 7.93 -9.57
C6 GDP C . 0.51 7.01 -10.43
O6 GDP C . -0.16 6.04 -9.97
N1 GDP C . 0.54 7.30 -11.76
C2 GDP C . 1.19 8.35 -12.29
N2 GDP C . 1.18 8.51 -13.62
N3 GDP C . 1.89 9.22 -11.56
C4 GDP C . 1.88 9.10 -10.21
#